data_1Y97
#
_entry.id   1Y97
#
_cell.length_a   52.5
_cell.length_b   77.2
_cell.length_c   101.7
_cell.angle_alpha   90
_cell.angle_beta   90
_cell.angle_gamma   90
#
_symmetry.space_group_name_H-M   'P 21 21 21'
#
loop_
_entity.id
_entity.type
_entity.pdbx_description
1 polymer 'Three prime repair exonuclease 2'
2 water water
#
_entity_poly.entity_id   1
_entity_poly.type   'polypeptide(L)'
_entity_poly.pdbx_seq_one_letter_code
;AG(MSE)SEAPRAETFVFLDLEATGLPSVEPEIAELSLFAVHRSSLENPEHDESGALVLPRVLDKLTLC(MSE)CPERPF
TAKASEITGLSSEGLARCRKAGFDGAVVRTLQAFLSRQAGPICLVAHNGFDYDFPLLCAELRRLGARLPRDTVCLDTLPA
LRGLDRAHSHGTRARGRQGYSLGSLFHRYFRAEPSAAHSAEGDVHTLLLIFLHRAAELLAWADEQARGWAHIEP(MSE)Y
LPPDDPSLEA
;
_entity_poly.pdbx_strand_id   A,B
#
# COMPACT_ATOMS: atom_id res chain seq x y z
N ALA A 1 12.71 30.90 -16.47
CA ALA A 1 13.38 32.12 -15.97
C ALA A 1 12.55 32.41 -14.75
N GLY A 2 11.27 32.09 -14.85
CA GLY A 2 10.38 32.34 -13.75
C GLY A 2 10.24 31.14 -12.82
N MSE A 3 11.28 30.91 -12.01
CA MSE A 3 11.27 29.81 -11.07
C MSE A 3 10.42 30.21 -9.91
O MSE A 3 10.34 31.41 -9.57
CB MSE A 3 12.64 29.53 -10.57
CG MSE A 3 13.52 28.88 -11.55
SE MSE A 3 15.31 28.60 -10.76
CE MSE A 3 14.96 26.93 -9.74
N SER A 4 9.78 29.25 -9.27
CA SER A 4 8.96 29.55 -8.11
C SER A 4 9.82 29.42 -6.86
N GLU A 5 9.25 29.74 -5.71
CA GLU A 5 9.99 29.62 -4.44
C GLU A 5 9.98 28.16 -4.03
N ALA A 6 8.95 27.48 -4.52
CA ALA A 6 8.72 26.08 -4.23
C ALA A 6 9.84 25.17 -4.70
N PRO A 7 10.39 24.36 -3.80
CA PRO A 7 11.46 23.43 -4.18
C PRO A 7 10.89 22.41 -5.17
N ARG A 8 11.74 21.98 -6.08
CA ARG A 8 11.40 21.04 -7.11
C ARG A 8 11.25 19.65 -6.46
N ALA A 9 10.13 18.99 -6.65
CA ALA A 9 9.90 17.67 -6.05
C ALA A 9 10.53 16.54 -6.82
N GLU A 10 11.04 15.57 -6.08
CA GLU A 10 11.66 14.37 -6.66
C GLU A 10 10.72 13.17 -6.55
N THR A 11 9.82 13.19 -5.58
CA THR A 11 8.84 12.12 -5.46
C THR A 11 7.44 12.74 -5.39
N PHE A 12 6.51 12.08 -6.06
CA PHE A 12 5.13 12.52 -6.06
C PHE A 12 4.33 11.48 -5.33
N VAL A 13 3.70 11.93 -4.24
CA VAL A 13 2.88 11.01 -3.46
C VAL A 13 1.41 11.34 -3.70
N PHE A 14 0.76 10.50 -4.48
CA PHE A 14 -0.64 10.68 -4.78
C PHE A 14 -1.40 10.15 -3.59
N LEU A 15 -2.45 10.83 -3.17
CA LEU A 15 -3.17 10.32 -2.05
C LEU A 15 -4.64 10.62 -2.03
N ASP A 16 -5.36 9.76 -1.33
CA ASP A 16 -6.76 9.95 -1.18
C ASP A 16 -7.24 9.53 0.20
N LEU A 17 -8.32 10.17 0.62
CA LEU A 17 -8.88 9.93 1.94
C LEU A 17 -10.36 9.54 1.84
N GLU A 18 -10.78 8.60 2.65
CA GLU A 18 -12.18 8.28 2.73
C GLU A 18 -12.53 8.78 4.12
N ALA A 19 -13.43 9.74 4.23
CA ALA A 19 -13.78 10.35 5.50
C ALA A 19 -15.25 10.20 5.91
N THR A 20 -15.59 10.72 7.09
CA THR A 20 -16.94 10.63 7.66
C THR A 20 -18.03 11.62 7.18
N GLY A 21 -17.66 12.58 6.35
CA GLY A 21 -18.62 13.57 5.84
C GLY A 21 -17.94 14.85 5.30
N LEU A 22 -18.72 15.89 5.15
CA LEU A 22 -18.22 17.15 4.64
C LEU A 22 -17.61 17.98 5.75
N PRO A 23 -16.89 19.05 5.38
CA PRO A 23 -16.27 19.89 6.40
C PRO A 23 -17.14 20.29 7.60
N SER A 24 -18.38 20.65 7.34
CA SER A 24 -19.28 21.10 8.39
C SER A 24 -19.44 20.09 9.50
N VAL A 25 -18.94 18.89 9.31
CA VAL A 25 -19.09 17.86 10.35
C VAL A 25 -17.81 17.56 11.16
N GLU A 26 -16.70 18.14 10.70
CA GLU A 26 -15.39 17.91 11.28
C GLU A 26 -15.14 16.43 11.07
N PRO A 27 -15.13 16.02 9.82
CA PRO A 27 -14.91 14.64 9.42
C PRO A 27 -13.56 14.11 9.85
N GLU A 28 -13.45 12.80 9.76
CA GLU A 28 -12.24 12.13 10.15
C GLU A 28 -11.86 11.16 9.09
N ILE A 29 -10.57 10.90 8.98
CA ILE A 29 -10.12 9.94 8.00
C ILE A 29 -10.49 8.53 8.48
N ALA A 30 -11.10 7.74 7.61
CA ALA A 30 -11.44 6.36 7.95
C ALA A 30 -10.48 5.47 7.17
N GLU A 31 -9.95 6.03 6.08
CA GLU A 31 -9.05 5.31 5.21
C GLU A 31 -8.24 6.24 4.33
N LEU A 32 -6.95 5.93 4.23
CA LEU A 32 -6.01 6.69 3.48
C LEU A 32 -5.09 5.77 2.61
N SER A 33 -4.76 6.26 1.42
CA SER A 33 -3.93 5.49 0.50
C SER A 33 -2.93 6.43 -0.12
N LEU A 34 -1.68 5.99 -0.11
CA LEU A 34 -0.55 6.74 -0.64
C LEU A 34 0.12 5.93 -1.72
N PHE A 35 0.39 6.59 -2.86
CA PHE A 35 1.12 5.94 -3.96
C PHE A 35 2.35 6.83 -4.13
N ALA A 36 3.54 6.33 -3.77
CA ALA A 36 4.76 7.14 -3.89
C ALA A 36 5.41 6.86 -5.22
N VAL A 37 5.54 7.91 -6.02
CA VAL A 37 6.12 7.76 -7.34
C VAL A 37 7.31 8.67 -7.59
N HIS A 38 8.39 8.09 -8.10
CA HIS A 38 9.54 8.90 -8.42
C HIS A 38 9.31 9.71 -9.70
N ARG A 39 9.79 10.95 -9.68
CA ARG A 39 9.67 11.87 -10.80
C ARG A 39 10.02 11.18 -12.14
N SER A 40 11.07 10.34 -12.11
CA SER A 40 11.53 9.56 -13.26
C SER A 40 10.36 8.98 -14.02
N SER A 41 9.53 8.26 -13.26
CA SER A 41 8.40 7.55 -13.79
C SER A 41 7.36 8.45 -14.37
N LEU A 42 7.14 9.62 -13.77
CA LEU A 42 6.16 10.52 -14.35
C LEU A 42 6.71 11.11 -15.63
N GLU A 43 8.05 11.17 -15.76
CA GLU A 43 8.68 11.71 -16.98
C GLU A 43 8.86 10.65 -18.07
N ASN A 44 8.46 9.41 -17.80
CA ASN A 44 8.56 8.32 -18.79
C ASN A 44 7.43 7.31 -18.52
N PRO A 45 6.20 7.73 -18.79
CA PRO A 45 5.03 6.88 -18.57
C PRO A 45 5.14 5.51 -19.27
N GLU A 46 4.73 4.45 -18.58
CA GLU A 46 4.83 3.11 -19.14
C GLU A 46 3.57 2.57 -19.79
N HIS A 47 3.76 1.62 -20.70
CA HIS A 47 2.66 0.99 -21.47
C HIS A 47 2.77 -0.53 -21.51
N GLY A 51 -0.39 -1.55 -25.58
CA GLY A 51 -0.04 -0.08 -25.84
C GLY A 51 -0.73 0.91 -24.92
N ALA A 52 -1.40 0.36 -23.91
CA ALA A 52 -2.12 1.17 -22.94
C ALA A 52 -1.21 1.75 -21.86
N LEU A 53 -1.66 2.86 -21.30
CA LEU A 53 -0.98 3.53 -20.20
C LEU A 53 -1.09 2.63 -18.95
N VAL A 54 0.03 2.39 -18.27
CA VAL A 54 -0.02 1.59 -17.04
C VAL A 54 0.68 2.29 -15.89
N LEU A 55 0.42 1.81 -14.69
CA LEU A 55 1.05 2.40 -13.52
C LEU A 55 2.55 2.17 -13.58
N PRO A 56 3.33 3.06 -12.94
CA PRO A 56 4.79 2.87 -12.96
C PRO A 56 5.09 1.50 -12.32
N ARG A 57 6.08 0.80 -12.82
CA ARG A 57 6.43 -0.49 -12.21
C ARG A 57 6.95 -0.32 -10.76
N VAL A 58 7.74 0.73 -10.53
CA VAL A 58 8.31 0.98 -9.21
C VAL A 58 7.41 1.94 -8.47
N LEU A 59 6.69 1.39 -7.49
CA LEU A 59 5.70 2.14 -6.76
C LEU A 59 5.59 1.72 -5.30
N ASP A 60 5.57 2.70 -4.41
CA ASP A 60 5.39 2.41 -3.00
C ASP A 60 3.93 2.73 -2.76
N LYS A 61 3.30 1.88 -1.97
CA LYS A 61 1.89 2.02 -1.63
C LYS A 61 1.72 1.87 -0.13
N LEU A 62 0.74 2.60 0.40
CA LEU A 62 0.40 2.51 1.80
C LEU A 62 -1.10 2.79 1.92
N THR A 63 -1.85 1.81 2.42
CA THR A 63 -3.27 1.99 2.62
C THR A 63 -3.53 1.63 4.08
N LEU A 64 -4.17 2.54 4.83
CA LEU A 64 -4.49 2.30 6.25
C LEU A 64 -5.94 2.62 6.60
N CYS A 65 -6.53 1.82 7.47
CA CYS A 65 -7.89 2.03 7.91
C CYS A 65 -7.83 2.37 9.39
N MSE A 66 -8.71 3.27 9.81
CA MSE A 66 -8.80 3.70 11.19
C MSE A 66 -10.24 3.78 11.64
O MSE A 66 -11.14 3.95 10.85
CB MSE A 66 -8.24 5.10 11.32
CG MSE A 66 -6.80 5.24 11.08
SE MSE A 66 -6.49 6.83 9.99
CE MSE A 66 -6.07 5.79 8.37
N CYS A 67 -10.46 3.69 12.94
CA CYS A 67 -11.82 3.84 13.35
C CYS A 67 -11.95 5.30 13.79
N PRO A 68 -12.84 6.06 13.15
CA PRO A 68 -12.92 7.45 13.60
C PRO A 68 -13.60 7.66 14.97
N GLU A 69 -13.21 8.73 15.64
CA GLU A 69 -13.78 8.98 16.95
C GLU A 69 -15.26 9.27 16.90
N ARG A 70 -15.70 9.88 15.81
CA ARG A 70 -17.10 10.26 15.69
C ARG A 70 -17.81 9.52 14.56
N PRO A 71 -19.15 9.52 14.60
CA PRO A 71 -19.93 8.83 13.58
C PRO A 71 -19.74 9.24 12.15
N PHE A 72 -20.11 8.32 11.25
CA PHE A 72 -20.08 8.57 9.83
C PHE A 72 -21.44 9.12 9.51
N THR A 73 -21.56 9.92 8.47
CA THR A 73 -22.89 10.32 8.03
C THR A 73 -23.35 9.08 7.19
N ALA A 74 -24.65 8.83 7.10
CA ALA A 74 -25.12 7.69 6.33
C ALA A 74 -24.56 7.69 4.88
N LYS A 75 -24.57 8.85 4.25
CA LYS A 75 -24.06 9.00 2.89
C LYS A 75 -22.58 8.56 2.82
N ALA A 76 -21.74 9.01 3.76
CA ALA A 76 -20.32 8.62 3.75
C ALA A 76 -20.12 7.07 3.88
N SER A 77 -20.82 6.39 4.81
CA SER A 77 -20.66 4.93 4.90
C SER A 77 -21.09 4.33 3.55
N GLU A 78 -22.15 4.89 3.03
CA GLU A 78 -22.68 4.41 1.79
C GLU A 78 -21.71 4.53 0.61
N ILE A 79 -21.16 5.69 0.38
CA ILE A 79 -20.26 5.81 -0.74
C ILE A 79 -18.90 5.19 -0.47
N THR A 80 -18.50 5.04 0.81
CA THR A 80 -17.19 4.45 1.09
C THR A 80 -17.23 2.97 1.41
N GLY A 81 -18.41 2.45 1.73
CA GLY A 81 -18.51 1.04 2.12
C GLY A 81 -17.89 0.82 3.51
N LEU A 82 -17.67 1.91 4.21
CA LEU A 82 -17.04 1.89 5.51
C LEU A 82 -18.00 2.30 6.63
N SER A 83 -17.85 1.68 7.79
CA SER A 83 -18.67 1.98 8.96
C SER A 83 -17.87 1.77 10.24
N SER A 84 -18.27 2.46 11.29
CA SER A 84 -17.68 2.34 12.59
C SER A 84 -17.64 0.88 13.09
N GLU A 85 -18.74 0.14 12.91
CA GLU A 85 -18.75 -1.25 13.37
C GLU A 85 -17.70 -2.05 12.61
N GLY A 86 -17.67 -1.90 11.29
CA GLY A 86 -16.69 -2.62 10.50
C GLY A 86 -15.28 -2.32 10.95
N LEU A 87 -14.98 -1.05 11.21
CA LEU A 87 -13.64 -0.73 11.63
C LEU A 87 -13.33 -1.19 13.05
N ALA A 88 -14.34 -1.17 13.93
CA ALA A 88 -14.09 -1.62 15.30
C ALA A 88 -13.99 -3.14 15.31
N ARG A 89 -14.82 -3.80 14.53
CA ARG A 89 -14.77 -5.26 14.43
C ARG A 89 -13.36 -5.69 14.04
N CYS A 90 -12.72 -4.96 13.14
CA CYS A 90 -11.37 -5.32 12.72
C CYS A 90 -10.30 -4.73 13.63
N ARG A 91 -10.74 -4.15 14.73
CA ARG A 91 -9.82 -3.57 15.70
C ARG A 91 -8.86 -2.55 15.17
N LYS A 92 -9.36 -1.60 14.39
CA LYS A 92 -8.49 -0.57 13.87
C LYS A 92 -8.60 0.57 14.84
N ALA A 93 -7.48 0.98 15.43
CA ALA A 93 -7.49 2.11 16.32
C ALA A 93 -7.78 3.36 15.45
N GLY A 94 -7.92 4.54 16.09
CA GLY A 94 -8.19 5.78 15.36
C GLY A 94 -6.88 6.42 14.89
N PHE A 95 -6.90 7.59 14.26
CA PHE A 95 -5.66 8.24 13.78
C PHE A 95 -4.71 8.44 14.95
N ASP A 96 -3.69 7.62 15.06
CA ASP A 96 -2.82 7.77 16.22
C ASP A 96 -1.32 7.79 15.99
N GLY A 97 -0.58 7.61 17.08
CA GLY A 97 0.87 7.60 16.98
C GLY A 97 1.36 6.55 15.97
N ALA A 98 0.74 5.37 16.00
CA ALA A 98 1.12 4.29 15.09
C ALA A 98 0.99 4.73 13.64
N VAL A 99 -0.13 5.38 13.35
CA VAL A 99 -0.44 5.87 12.01
C VAL A 99 0.63 6.87 11.59
N VAL A 100 0.90 7.83 12.48
CA VAL A 100 1.92 8.88 12.23
C VAL A 100 3.29 8.24 11.99
N ARG A 101 3.66 7.24 12.75
CA ARG A 101 4.96 6.68 12.49
C ARG A 101 5.04 5.97 11.14
N THR A 102 3.96 5.30 10.76
CA THR A 102 3.92 4.56 9.52
C THR A 102 3.98 5.53 8.35
N LEU A 103 3.32 6.66 8.50
CA LEU A 103 3.33 7.68 7.48
C LEU A 103 4.73 8.25 7.32
N GLN A 104 5.35 8.61 8.42
CA GLN A 104 6.68 9.18 8.35
C GLN A 104 7.76 8.21 7.90
N ALA A 105 7.68 6.97 8.34
CA ALA A 105 8.68 6.00 7.94
C ALA A 105 8.57 5.81 6.43
N PHE A 106 7.32 5.70 5.95
CA PHE A 106 7.02 5.51 4.55
C PHE A 106 7.51 6.68 3.72
N LEU A 107 7.25 7.90 4.20
CA LEU A 107 7.69 9.06 3.44
C LEU A 107 9.21 9.15 3.45
N SER A 108 9.84 8.64 4.50
CA SER A 108 11.29 8.72 4.54
C SER A 108 11.90 7.76 3.52
N ARG A 109 11.11 6.88 2.93
CA ARG A 109 11.63 5.94 1.95
C ARG A 109 11.64 6.56 0.57
N GLN A 110 11.22 7.82 0.50
CA GLN A 110 11.12 8.51 -0.78
C GLN A 110 12.20 9.57 -0.98
N ALA A 111 12.74 9.65 -2.19
CA ALA A 111 13.74 10.67 -2.46
C ALA A 111 12.93 11.99 -2.41
N GLY A 112 13.39 12.92 -1.58
CA GLY A 112 12.68 14.19 -1.43
C GLY A 112 13.29 15.29 -2.29
N PRO A 113 12.69 16.49 -2.34
CA PRO A 113 11.45 16.79 -1.60
C PRO A 113 10.26 16.00 -2.15
N ILE A 114 9.17 16.03 -1.41
CA ILE A 114 7.99 15.32 -1.79
C ILE A 114 6.88 16.26 -2.20
N CYS A 115 6.15 15.92 -3.26
CA CYS A 115 5.02 16.72 -3.64
C CYS A 115 3.78 15.86 -3.42
N LEU A 116 2.89 16.29 -2.51
CA LEU A 116 1.65 15.56 -2.29
C LEU A 116 0.69 15.93 -3.43
N VAL A 117 -0.01 14.94 -3.95
CA VAL A 117 -0.96 15.16 -5.03
C VAL A 117 -2.29 14.54 -4.64
N ALA A 118 -3.33 15.38 -4.53
CA ALA A 118 -4.66 14.91 -4.19
C ALA A 118 -5.65 15.71 -5.01
N HIS A 119 -6.74 15.06 -5.40
CA HIS A 119 -7.71 15.80 -6.19
C HIS A 119 -8.59 16.62 -5.27
N ASN A 120 -8.65 17.90 -5.52
CA ASN A 120 -9.45 18.80 -4.69
C ASN A 120 -8.77 18.87 -3.37
N GLY A 121 -7.48 18.54 -3.38
CA GLY A 121 -6.71 18.57 -2.16
C GLY A 121 -6.83 19.84 -1.35
N PHE A 122 -6.74 21.01 -1.99
CA PHE A 122 -6.76 22.29 -1.26
C PHE A 122 -7.98 22.57 -0.43
N ASP A 123 -9.13 22.07 -0.88
CA ASP A 123 -10.37 22.26 -0.17
C ASP A 123 -10.76 21.07 0.73
N TYR A 124 -10.13 19.91 0.55
CA TYR A 124 -10.51 18.82 1.40
C TYR A 124 -9.38 17.97 1.89
N ASP A 125 -8.84 17.06 1.06
CA ASP A 125 -7.78 16.17 1.56
C ASP A 125 -6.64 16.83 2.31
N PHE A 126 -6.08 17.91 1.79
CA PHE A 126 -4.98 18.50 2.50
C PHE A 126 -5.33 19.09 3.89
N PRO A 127 -6.36 19.94 3.99
CA PRO A 127 -6.69 20.48 5.33
C PRO A 127 -7.10 19.36 6.28
N LEU A 128 -7.81 18.38 5.77
CA LEU A 128 -8.21 17.25 6.61
C LEU A 128 -6.97 16.49 7.09
N LEU A 129 -6.07 16.13 6.18
CA LEU A 129 -4.87 15.41 6.61
C LEU A 129 -4.16 16.30 7.65
N CYS A 130 -4.08 17.60 7.33
CA CYS A 130 -3.44 18.57 8.19
C CYS A 130 -4.07 18.63 9.59
N ALA A 131 -5.40 18.52 9.66
CA ALA A 131 -6.11 18.55 10.95
C ALA A 131 -5.72 17.32 11.78
N GLU A 132 -5.89 16.14 11.18
CA GLU A 132 -5.55 14.89 11.84
C GLU A 132 -4.12 14.87 12.36
N LEU A 133 -3.13 15.32 11.57
CA LEU A 133 -1.73 15.38 12.04
C LEU A 133 -1.54 16.41 13.17
N ARG A 134 -2.19 17.57 13.02
CA ARG A 134 -2.07 18.63 14.02
C ARG A 134 -2.50 18.15 15.41
N ARG A 135 -3.58 17.39 15.47
CA ARG A 135 -4.08 16.90 16.75
C ARG A 135 -2.91 16.24 17.49
N LEU A 136 -2.03 15.61 16.73
CA LEU A 136 -0.90 14.91 17.32
C LEU A 136 0.46 15.59 17.26
N GLY A 137 0.52 16.80 16.69
CA GLY A 137 1.76 17.54 16.57
C GLY A 137 2.74 16.99 15.53
N ALA A 138 2.25 16.10 14.67
CA ALA A 138 3.09 15.43 13.68
C ALA A 138 3.47 16.33 12.52
N ARG A 139 4.69 16.19 12.04
CA ARG A 139 5.12 17.03 10.93
C ARG A 139 5.50 16.21 9.71
N LEU A 140 5.42 16.83 8.54
CA LEU A 140 5.81 16.14 7.32
C LEU A 140 7.20 16.65 7.02
N PRO A 141 7.96 15.94 6.17
CA PRO A 141 9.32 16.35 5.82
C PRO A 141 9.40 17.83 5.45
N ARG A 142 10.49 18.50 5.80
CA ARG A 142 10.51 19.90 5.39
C ARG A 142 10.55 19.93 3.85
N ASP A 143 10.12 21.07 3.35
CA ASP A 143 9.93 21.38 1.95
C ASP A 143 9.04 20.46 1.15
N THR A 144 8.06 19.81 1.81
CA THR A 144 7.12 19.05 1.02
C THR A 144 6.12 20.12 0.50
N VAL A 145 5.64 19.90 -0.72
CA VAL A 145 4.75 20.81 -1.40
C VAL A 145 3.48 20.09 -1.83
N CYS A 146 2.45 20.87 -2.18
CA CYS A 146 1.15 20.32 -2.55
C CYS A 146 0.68 20.70 -3.93
N LEU A 147 0.04 19.74 -4.59
CA LEU A 147 -0.52 19.92 -5.90
C LEU A 147 -1.96 19.43 -5.81
N ASP A 148 -2.86 20.26 -6.26
CA ASP A 148 -4.25 19.94 -6.28
C ASP A 148 -4.50 19.85 -7.78
N THR A 149 -4.65 18.63 -8.27
CA THR A 149 -4.88 18.39 -9.69
C THR A 149 -6.16 19.03 -10.26
N LEU A 150 -7.11 19.37 -9.38
CA LEU A 150 -8.35 19.95 -9.86
C LEU A 150 -8.10 21.38 -10.34
N PRO A 151 -7.62 22.28 -9.47
CA PRO A 151 -7.39 23.62 -10.02
C PRO A 151 -6.37 23.52 -11.16
N ALA A 152 -5.39 22.62 -11.04
CA ALA A 152 -4.36 22.55 -12.07
C ALA A 152 -4.90 22.15 -13.40
N LEU A 153 -5.69 21.09 -13.45
CA LEU A 153 -6.24 20.65 -14.73
C LEU A 153 -7.20 21.68 -15.35
N ARG A 154 -7.97 22.39 -14.53
CA ARG A 154 -8.88 23.41 -15.04
C ARG A 154 -8.03 24.54 -15.63
N GLY A 155 -6.92 24.82 -14.96
CA GLY A 155 -6.04 25.87 -15.45
C GLY A 155 -5.44 25.46 -16.77
N LEU A 156 -4.87 24.26 -16.83
CA LEU A 156 -4.27 23.75 -18.06
C LEU A 156 -5.28 23.72 -19.23
N ASP A 157 -6.54 23.42 -18.93
CA ASP A 157 -7.52 23.39 -20.00
C ASP A 157 -7.99 24.80 -20.43
N ARG A 158 -8.09 25.77 -19.50
CA ARG A 158 -8.50 27.11 -19.87
C ARG A 158 -7.34 27.74 -20.63
N ALA A 159 -6.19 27.12 -20.54
CA ALA A 159 -5.02 27.62 -21.20
C ALA A 159 -5.05 27.10 -22.63
N HIS A 160 -5.51 25.87 -22.81
CA HIS A 160 -5.56 25.29 -24.15
C HIS A 160 -6.98 25.08 -24.73
N GLY A 171 -17.39 16.83 -16.23
CA GLY A 171 -16.50 18.01 -15.98
C GLY A 171 -15.14 17.59 -15.42
N TYR A 172 -14.86 17.91 -14.15
CA TYR A 172 -13.57 17.56 -13.57
C TYR A 172 -13.58 16.61 -12.40
N SER A 173 -14.49 15.65 -12.38
CA SER A 173 -14.52 14.69 -11.28
C SER A 173 -13.59 13.62 -11.77
N LEU A 174 -13.14 12.75 -10.86
CA LEU A 174 -12.28 11.65 -11.25
C LEU A 174 -12.97 10.87 -12.35
N GLY A 175 -14.27 10.60 -12.16
CA GLY A 175 -15.05 9.86 -13.15
C GLY A 175 -15.10 10.41 -14.57
N SER A 176 -15.46 11.69 -14.72
CA SER A 176 -15.51 12.28 -16.07
C SER A 176 -14.08 12.32 -16.61
N LEU A 177 -13.16 12.87 -15.82
CA LEU A 177 -11.77 12.98 -16.24
C LEU A 177 -11.26 11.65 -16.80
N PHE A 178 -11.58 10.56 -16.11
CA PHE A 178 -11.13 9.24 -16.53
C PHE A 178 -11.80 8.79 -17.81
N HIS A 179 -13.12 9.01 -17.91
CA HIS A 179 -13.87 8.63 -19.10
C HIS A 179 -13.39 9.43 -20.32
N ARG A 180 -13.17 10.72 -20.13
CA ARG A 180 -12.74 11.57 -21.22
C ARG A 180 -11.33 11.23 -21.68
N TYR A 181 -10.44 10.89 -20.75
CA TYR A 181 -9.06 10.57 -21.13
C TYR A 181 -8.88 9.15 -21.62
N PHE A 182 -9.70 8.23 -21.11
CA PHE A 182 -9.58 6.83 -21.49
C PHE A 182 -10.83 6.15 -22.06
N ARG A 183 -11.71 6.94 -22.66
CA ARG A 183 -12.90 6.40 -23.28
C ARG A 183 -13.82 5.59 -22.36
N ALA A 184 -13.55 5.55 -21.05
CA ALA A 184 -14.44 4.82 -20.14
C ALA A 184 -14.06 4.55 -18.68
N GLU A 185 -14.71 3.48 -18.19
CA GLU A 185 -14.70 2.81 -16.87
C GLU A 185 -13.42 2.87 -16.02
N PRO A 186 -13.58 3.31 -14.74
CA PRO A 186 -12.60 3.36 -13.65
C PRO A 186 -12.69 2.08 -12.78
N SER A 187 -12.02 2.07 -11.61
CA SER A 187 -12.02 0.92 -10.70
C SER A 187 -12.12 1.26 -9.19
N SER A 191 -13.32 3.39 -2.55
CA SER A 191 -11.96 2.91 -2.10
C SER A 191 -10.85 3.96 -2.16
N ALA A 192 -10.13 4.13 -1.08
CA ALA A 192 -9.06 5.12 -1.09
C ALA A 192 -8.02 4.73 -2.14
N GLU A 193 -7.77 3.43 -2.25
CA GLU A 193 -6.77 2.99 -3.17
C GLU A 193 -7.19 3.10 -4.65
N GLY A 194 -8.44 2.75 -4.95
CA GLY A 194 -8.89 2.84 -6.33
C GLY A 194 -8.90 4.30 -6.77
N ASP A 195 -9.31 5.15 -5.86
CA ASP A 195 -9.30 6.57 -6.17
C ASP A 195 -7.88 7.07 -6.40
N VAL A 196 -6.89 6.53 -5.70
CA VAL A 196 -5.57 7.04 -5.94
C VAL A 196 -5.12 6.40 -7.23
N HIS A 197 -5.54 5.17 -7.42
CA HIS A 197 -5.21 4.44 -8.64
C HIS A 197 -5.71 5.19 -9.90
N THR A 198 -6.95 5.67 -9.88
CA THR A 198 -7.42 6.36 -11.06
C THR A 198 -6.87 7.81 -11.15
N LEU A 199 -6.55 8.44 -10.02
CA LEU A 199 -5.96 9.79 -10.04
C LEU A 199 -4.58 9.70 -10.73
N LEU A 200 -3.80 8.67 -10.40
CA LEU A 200 -2.48 8.51 -11.00
C LEU A 200 -2.51 8.36 -12.52
N LEU A 201 -3.49 7.60 -13.02
CA LEU A 201 -3.61 7.39 -14.45
C LEU A 201 -3.97 8.71 -15.11
N ILE A 202 -4.89 9.46 -14.51
CA ILE A 202 -5.27 10.75 -15.06
C ILE A 202 -4.02 11.62 -15.19
N PHE A 203 -3.24 11.65 -14.12
CA PHE A 203 -2.00 12.41 -14.06
C PHE A 203 -1.01 11.96 -15.14
N LEU A 204 -0.89 10.66 -15.34
CA LEU A 204 0.04 10.11 -16.29
C LEU A 204 -0.27 10.59 -17.69
N HIS A 205 -1.54 10.77 -17.94
CA HIS A 205 -2.00 11.19 -19.23
C HIS A 205 -1.60 12.66 -19.53
N ARG A 206 -1.60 13.54 -18.52
CA ARG A 206 -1.17 14.92 -18.73
C ARG A 206 0.15 15.15 -17.96
N ALA A 207 0.95 14.09 -17.79
CA ALA A 207 2.19 14.15 -17.01
C ALA A 207 3.10 15.34 -17.24
N ALA A 208 3.49 15.56 -18.47
CA ALA A 208 4.37 16.68 -18.76
C ALA A 208 3.78 18.02 -18.27
N GLU A 209 2.48 18.22 -18.51
CA GLU A 209 1.85 19.46 -18.06
C GLU A 209 1.74 19.56 -16.55
N LEU A 210 1.37 18.45 -15.90
CA LEU A 210 1.19 18.50 -14.46
C LEU A 210 2.51 18.65 -13.71
N LEU A 211 3.56 18.10 -14.28
CA LEU A 211 4.87 18.25 -13.64
C LEU A 211 5.26 19.75 -13.63
N ALA A 212 5.22 20.40 -14.79
CA ALA A 212 5.55 21.80 -14.90
C ALA A 212 4.66 22.63 -13.96
N TRP A 213 3.37 22.33 -13.93
CA TRP A 213 2.48 23.07 -13.03
C TRP A 213 2.95 22.88 -11.59
N ALA A 214 3.21 21.64 -11.18
CA ALA A 214 3.70 21.43 -9.82
C ALA A 214 4.99 22.24 -9.54
N ASP A 215 5.95 22.21 -10.48
CA ASP A 215 7.21 22.94 -10.30
C ASP A 215 7.00 24.43 -10.11
N GLU A 216 6.04 24.99 -10.87
CA GLU A 216 5.77 26.39 -10.84
C GLU A 216 4.72 26.79 -9.83
N GLN A 217 3.79 25.92 -9.52
CA GLN A 217 2.71 26.35 -8.63
C GLN A 217 2.48 25.60 -7.34
N ALA A 218 3.23 24.53 -7.06
CA ALA A 218 2.97 23.77 -5.83
C ALA A 218 2.98 24.63 -4.58
N ARG A 219 2.01 24.40 -3.71
CA ARG A 219 1.95 25.17 -2.47
C ARG A 219 2.75 24.51 -1.35
N GLY A 220 3.41 25.31 -0.53
CA GLY A 220 4.16 24.71 0.54
C GLY A 220 3.19 24.04 1.53
N TRP A 221 3.57 22.86 2.01
CA TRP A 221 2.73 22.17 2.99
C TRP A 221 2.55 23.07 4.23
N ALA A 222 3.56 23.86 4.53
CA ALA A 222 3.48 24.78 5.68
C ALA A 222 2.34 25.77 5.50
N HIS A 223 1.96 26.05 4.26
CA HIS A 223 0.87 27.00 4.03
C HIS A 223 -0.50 26.37 4.21
N ILE A 224 -0.58 25.04 4.18
CA ILE A 224 -1.87 24.38 4.35
C ILE A 224 -2.38 24.55 5.78
N GLU A 225 -3.64 24.91 5.90
CA GLU A 225 -4.27 25.15 7.20
C GLU A 225 -5.22 23.99 7.60
N PRO A 226 -5.12 23.52 8.84
CA PRO A 226 -5.96 22.42 9.35
C PRO A 226 -7.44 22.66 9.13
N MSE A 227 -8.16 21.66 8.64
CA MSE A 227 -9.58 21.85 8.37
C MSE A 227 -10.34 22.41 9.59
O MSE A 227 -11.26 23.22 9.43
CB MSE A 227 -10.19 20.54 7.94
CG MSE A 227 -11.55 20.77 7.35
SE MSE A 227 -12.36 19.16 6.57
CE MSE A 227 -13.51 18.92 8.07
N TYR A 228 -9.93 21.95 10.78
CA TYR A 228 -10.48 22.37 12.06
C TYR A 228 -9.44 21.99 13.12
N LEU A 229 -9.61 22.51 14.33
CA LEU A 229 -8.70 22.24 15.44
C LEU A 229 -9.31 21.18 16.36
N PRO A 230 -8.49 20.46 17.17
CA PRO A 230 -9.08 19.44 18.05
C PRO A 230 -10.15 19.98 18.99
N GLU B 5 -2.82 -23.51 25.23
CA GLU B 5 -3.92 -22.51 25.45
C GLU B 5 -3.55 -21.06 25.03
N ALA B 6 -2.42 -20.87 24.34
CA ALA B 6 -2.02 -19.51 23.92
C ALA B 6 -2.99 -18.86 22.92
N PRO B 7 -3.26 -17.54 23.08
CA PRO B 7 -4.19 -16.87 22.14
C PRO B 7 -3.77 -17.06 20.70
N ARG B 8 -4.73 -17.43 19.86
CA ARG B 8 -4.53 -17.67 18.44
C ARG B 8 -4.34 -16.33 17.69
N ALA B 9 -3.93 -16.38 16.43
CA ALA B 9 -3.71 -15.15 15.67
C ALA B 9 -4.96 -14.30 15.45
N GLU B 10 -4.81 -13.01 15.64
CA GLU B 10 -5.89 -12.05 15.44
C GLU B 10 -5.83 -11.37 14.08
N THR B 11 -4.64 -11.16 13.58
CA THR B 11 -4.49 -10.52 12.28
C THR B 11 -3.63 -11.45 11.45
N PHE B 12 -4.01 -11.62 10.19
CA PHE B 12 -3.22 -12.44 9.31
C PHE B 12 -2.61 -11.49 8.31
N VAL B 13 -1.29 -11.46 8.32
CA VAL B 13 -0.57 -10.60 7.40
C VAL B 13 0.00 -11.41 6.23
N PHE B 14 -0.69 -11.27 5.10
CA PHE B 14 -0.35 -11.93 3.84
C PHE B 14 0.75 -11.16 3.16
N LEU B 15 1.83 -11.87 2.81
CA LEU B 15 2.93 -11.25 2.13
C LEU B 15 3.62 -12.02 1.00
N ASP B 16 4.28 -11.26 0.14
CA ASP B 16 5.06 -11.77 -0.93
C ASP B 16 6.27 -10.90 -1.17
N LEU B 17 7.31 -11.53 -1.72
CA LEU B 17 8.58 -10.88 -1.99
C LEU B 17 8.95 -11.10 -3.44
N GLU B 18 9.44 -10.07 -4.09
CA GLU B 18 10.03 -10.25 -5.40
C GLU B 18 11.50 -10.04 -5.13
N ALA B 19 12.30 -11.06 -5.45
CA ALA B 19 13.73 -11.10 -5.17
C ALA B 19 14.56 -11.34 -6.40
N THR B 20 15.87 -11.40 -6.23
CA THR B 20 16.76 -11.53 -7.36
C THR B 20 17.11 -12.90 -7.91
N GLY B 21 16.79 -13.97 -7.22
CA GLY B 21 17.10 -15.31 -7.73
C GLY B 21 16.75 -16.38 -6.71
N LEU B 22 17.17 -17.61 -6.97
CA LEU B 22 16.93 -18.71 -6.04
C LEU B 22 17.85 -18.62 -4.83
N PRO B 23 17.51 -19.31 -3.75
CA PRO B 23 18.38 -19.24 -2.56
C PRO B 23 19.90 -19.36 -2.77
N SER B 24 20.35 -20.22 -3.67
CA SER B 24 21.78 -20.39 -3.86
C SER B 24 22.56 -19.14 -4.25
N VAL B 25 21.92 -18.20 -4.96
CA VAL B 25 22.61 -16.95 -5.35
C VAL B 25 22.57 -15.92 -4.22
N GLU B 26 21.90 -16.27 -3.11
CA GLU B 26 21.73 -15.40 -1.94
C GLU B 26 20.95 -14.16 -2.37
N PRO B 27 19.71 -14.35 -2.89
CA PRO B 27 18.84 -13.30 -3.37
C PRO B 27 18.55 -12.24 -2.35
N GLU B 28 18.14 -11.10 -2.90
CA GLU B 28 17.80 -9.93 -2.12
C GLU B 28 16.43 -9.49 -2.52
N ILE B 29 15.67 -9.00 -1.54
CA ILE B 29 14.33 -8.46 -1.79
C ILE B 29 14.42 -7.20 -2.65
N ALA B 30 13.57 -7.11 -3.68
CA ALA B 30 13.52 -5.89 -4.53
C ALA B 30 12.14 -5.23 -4.36
N GLU B 31 11.14 -6.00 -3.97
CA GLU B 31 9.80 -5.47 -3.78
C GLU B 31 9.13 -6.34 -2.75
N LEU B 32 8.50 -5.71 -1.79
CA LEU B 32 7.85 -6.46 -0.75
C LEU B 32 6.43 -5.93 -0.59
N SER B 33 5.46 -6.82 -0.41
CA SER B 33 4.09 -6.36 -0.23
C SER B 33 3.41 -7.11 0.93
N LEU B 34 2.66 -6.34 1.70
CA LEU B 34 1.95 -6.80 2.89
C LEU B 34 0.46 -6.41 2.90
N PHE B 35 -0.42 -7.40 3.13
CA PHE B 35 -1.89 -7.19 3.23
C PHE B 35 -2.25 -7.68 4.62
N ALA B 36 -2.74 -6.77 5.46
CA ALA B 36 -3.09 -7.15 6.84
C ALA B 36 -4.58 -7.35 6.94
N VAL B 37 -4.97 -8.58 7.21
CA VAL B 37 -6.39 -8.94 7.32
C VAL B 37 -6.78 -9.39 8.72
N HIS B 38 -7.79 -8.74 9.29
CA HIS B 38 -8.26 -9.14 10.60
C HIS B 38 -8.92 -10.52 10.55
N ARG B 39 -8.75 -11.30 11.61
CA ARG B 39 -9.33 -12.64 11.64
C ARG B 39 -10.82 -12.74 11.28
N SER B 40 -11.61 -11.77 11.76
CA SER B 40 -13.04 -11.77 11.50
C SER B 40 -13.36 -11.72 10.02
N SER B 41 -12.47 -11.14 9.20
CA SER B 41 -12.74 -11.08 7.75
C SER B 41 -12.49 -12.41 7.09
N LEU B 42 -11.56 -13.19 7.64
CA LEU B 42 -11.27 -14.50 7.10
C LEU B 42 -12.39 -15.43 7.53
N GLU B 43 -12.74 -15.39 8.82
CA GLU B 43 -13.85 -16.19 9.34
C GLU B 43 -15.17 -15.88 8.58
N ASN B 44 -15.28 -14.69 7.96
CA ASN B 44 -16.52 -14.32 7.24
C ASN B 44 -16.38 -13.75 5.81
N PRO B 45 -15.97 -14.56 4.82
CA PRO B 45 -15.82 -14.02 3.46
C PRO B 45 -16.95 -13.10 2.98
N GLU B 46 -16.58 -12.02 2.32
CA GLU B 46 -17.53 -11.06 1.82
C GLU B 46 -17.75 -11.37 0.36
N HIS B 47 -18.98 -11.12 -0.09
CA HIS B 47 -19.34 -11.39 -1.46
C HIS B 47 -19.89 -10.22 -2.25
N ASP B 48 -19.67 -10.36 -3.55
CA ASP B 48 -20.08 -9.46 -4.59
C ASP B 48 -21.61 -9.49 -4.62
N GLU B 49 -22.24 -8.48 -5.23
CA GLU B 49 -23.70 -8.49 -5.35
C GLU B 49 -24.02 -9.73 -6.20
N SER B 50 -23.09 -10.04 -7.10
CA SER B 50 -23.21 -11.21 -7.97
C SER B 50 -22.96 -12.48 -7.17
N GLY B 51 -22.38 -12.34 -5.97
CA GLY B 51 -22.08 -13.50 -5.15
C GLY B 51 -20.63 -13.93 -5.35
N ALA B 52 -19.84 -13.12 -6.06
CA ALA B 52 -18.42 -13.46 -6.28
C ALA B 52 -17.60 -13.03 -5.04
N LEU B 53 -16.56 -13.77 -4.73
CA LEU B 53 -15.73 -13.45 -3.60
C LEU B 53 -15.03 -12.12 -3.85
N VAL B 54 -14.86 -11.35 -2.79
CA VAL B 54 -14.17 -10.09 -2.86
C VAL B 54 -13.29 -9.99 -1.62
N LEU B 55 -12.27 -9.14 -1.72
CA LEU B 55 -11.33 -8.89 -0.64
C LEU B 55 -12.10 -8.22 0.46
N PRO B 56 -11.64 -8.34 1.70
CA PRO B 56 -12.31 -7.71 2.87
C PRO B 56 -12.19 -6.19 2.66
N ARG B 57 -13.27 -5.46 2.90
CA ARG B 57 -13.24 -4.02 2.73
C ARG B 57 -12.19 -3.36 3.62
N VAL B 58 -12.05 -3.86 4.85
CA VAL B 58 -11.10 -3.26 5.78
C VAL B 58 -9.80 -3.98 5.62
N LEU B 59 -8.86 -3.32 4.96
CA LEU B 59 -7.57 -3.91 4.67
C LEU B 59 -6.44 -2.89 4.77
N ASP B 60 -5.36 -3.24 5.48
CA ASP B 60 -4.18 -2.36 5.52
C ASP B 60 -3.20 -2.94 4.47
N LYS B 61 -2.51 -2.09 3.70
CA LYS B 61 -1.53 -2.53 2.70
C LYS B 61 -0.23 -1.73 2.75
N LEU B 62 0.86 -2.42 2.40
CA LEU B 62 2.16 -1.81 2.37
C LEU B 62 2.92 -2.43 1.24
N THR B 63 3.38 -1.61 0.30
CA THR B 63 4.21 -2.16 -0.76
C THR B 63 5.45 -1.26 -0.83
N LEU B 64 6.62 -1.88 -0.72
CA LEU B 64 7.89 -1.17 -0.76
C LEU B 64 8.86 -1.74 -1.81
N CYS B 65 9.46 -0.85 -2.59
CA CYS B 65 10.44 -1.26 -3.58
C CYS B 65 11.84 -0.92 -3.05
N MSE B 66 12.80 -1.78 -3.34
CA MSE B 66 14.17 -1.59 -2.92
C MSE B 66 15.10 -2.07 -3.99
O MSE B 66 14.82 -3.03 -4.71
CB MSE B 66 14.54 -2.44 -1.72
CG MSE B 66 13.89 -2.09 -0.46
SE MSE B 66 13.26 -3.77 0.28
CE MSE B 66 11.36 -3.37 0.02
N CYS B 67 16.26 -1.44 -4.02
CA CYS B 67 17.28 -1.83 -4.97
C CYS B 67 18.28 -2.83 -4.32
N PRO B 68 18.38 -4.06 -4.85
CA PRO B 68 19.34 -4.98 -4.22
C PRO B 68 20.77 -4.55 -4.47
N GLU B 69 21.69 -5.01 -3.62
CA GLU B 69 23.12 -4.68 -3.75
C GLU B 69 23.73 -5.44 -4.90
N ARG B 70 23.36 -6.70 -5.00
CA ARG B 70 23.89 -7.55 -6.05
C ARG B 70 22.93 -7.66 -7.25
N PRO B 71 23.35 -8.28 -8.35
CA PRO B 71 22.45 -8.28 -9.56
C PRO B 71 21.23 -9.20 -9.57
N PHE B 72 20.39 -8.90 -10.52
CA PHE B 72 19.21 -9.67 -10.78
C PHE B 72 19.62 -10.87 -11.59
N THR B 73 18.93 -11.94 -11.34
CA THR B 73 19.07 -13.12 -12.14
C THR B 73 18.26 -12.79 -13.38
N ALA B 74 18.70 -13.14 -14.58
CA ALA B 74 17.92 -12.81 -15.77
C ALA B 74 16.46 -13.29 -15.69
N LYS B 75 16.27 -14.54 -15.29
CA LYS B 75 14.92 -15.09 -15.19
C LYS B 75 14.10 -14.22 -14.21
N ALA B 76 14.69 -13.92 -13.06
CA ALA B 76 14.04 -13.12 -12.03
C ALA B 76 13.61 -11.73 -12.54
N SER B 77 14.48 -11.08 -13.28
CA SER B 77 14.17 -9.76 -13.80
C SER B 77 13.01 -9.85 -14.79
N GLU B 78 12.97 -10.96 -15.51
CA GLU B 78 11.97 -11.19 -16.52
C GLU B 78 10.58 -11.46 -15.93
N ILE B 79 10.46 -12.40 -15.00
CA ILE B 79 9.15 -12.64 -14.47
C ILE B 79 8.62 -11.50 -13.58
N THR B 80 9.51 -10.85 -12.83
CA THR B 80 9.12 -9.75 -11.95
C THR B 80 8.95 -8.37 -12.60
N GLY B 81 9.53 -8.14 -13.77
CA GLY B 81 9.39 -6.82 -14.38
C GLY B 81 10.31 -5.76 -13.72
N LEU B 82 11.07 -6.19 -12.72
CA LEU B 82 11.99 -5.35 -11.96
C LEU B 82 13.45 -5.44 -12.44
N SER B 83 14.16 -4.31 -12.38
CA SER B 83 15.57 -4.29 -12.74
C SER B 83 16.38 -3.35 -11.84
N SER B 84 17.67 -3.61 -11.72
CA SER B 84 18.56 -2.75 -10.94
C SER B 84 18.50 -1.34 -11.49
N GLU B 85 18.51 -1.23 -12.82
CA GLU B 85 18.49 0.06 -13.46
C GLU B 85 17.25 0.82 -12.95
N GLY B 86 16.10 0.16 -13.03
CA GLY B 86 14.85 0.79 -12.60
C GLY B 86 14.85 1.22 -11.15
N LEU B 87 15.19 0.30 -10.25
CA LEU B 87 15.16 0.61 -8.83
C LEU B 87 16.12 1.76 -8.52
N ALA B 88 17.32 1.71 -9.09
CA ALA B 88 18.29 2.80 -8.89
C ALA B 88 17.75 4.12 -9.47
N ARG B 89 17.23 4.07 -10.70
CA ARG B 89 16.70 5.27 -11.31
C ARG B 89 15.65 5.95 -10.43
N CYS B 90 14.87 5.16 -9.69
CA CYS B 90 13.88 5.76 -8.80
C CYS B 90 14.41 6.04 -7.39
N ARG B 91 15.73 5.97 -7.23
CA ARG B 91 16.41 6.25 -5.96
C ARG B 91 15.95 5.41 -4.78
N LYS B 92 15.39 4.25 -5.07
CA LYS B 92 14.92 3.33 -4.06
C LYS B 92 16.17 2.68 -3.42
N ALA B 93 16.43 3.01 -2.16
CA ALA B 93 17.58 2.45 -1.44
C ALA B 93 17.36 0.95 -1.15
N GLY B 94 18.34 0.31 -0.52
CA GLY B 94 18.19 -1.10 -0.19
C GLY B 94 17.40 -1.33 1.08
N PHE B 95 17.34 -2.59 1.56
CA PHE B 95 16.59 -2.91 2.75
C PHE B 95 17.26 -2.25 3.94
N ASP B 96 16.76 -1.11 4.40
CA ASP B 96 17.43 -0.38 5.46
C ASP B 96 16.52 -0.09 6.64
N GLY B 97 16.99 0.80 7.51
CA GLY B 97 16.22 1.17 8.67
C GLY B 97 14.87 1.77 8.36
N ALA B 98 14.81 2.57 7.28
CA ALA B 98 13.56 3.18 6.86
C ALA B 98 12.57 2.05 6.50
N VAL B 99 13.09 0.97 5.91
CA VAL B 99 12.24 -0.18 5.56
C VAL B 99 11.77 -0.82 6.86
N VAL B 100 12.68 -0.97 7.83
CA VAL B 100 12.33 -1.59 9.11
C VAL B 100 11.32 -0.80 9.93
N ARG B 101 11.57 0.50 10.06
CA ARG B 101 10.64 1.34 10.77
C ARG B 101 9.28 1.34 10.08
N THR B 102 9.27 1.30 8.76
CA THR B 102 7.97 1.32 8.06
C THR B 102 7.19 0.06 8.40
N LEU B 103 7.88 -1.08 8.36
CA LEU B 103 7.27 -2.38 8.67
C LEU B 103 6.84 -2.52 10.10
N GLN B 104 7.65 -2.03 11.01
CA GLN B 104 7.25 -2.14 12.39
C GLN B 104 6.05 -1.28 12.71
N ALA B 105 6.03 -0.05 12.22
CA ALA B 105 4.88 0.81 12.52
C ALA B 105 3.62 0.24 11.85
N PHE B 106 3.77 -0.23 10.62
CA PHE B 106 2.65 -0.79 9.89
C PHE B 106 2.05 -1.96 10.68
N LEU B 107 2.91 -2.84 11.18
CA LEU B 107 2.46 -4.01 11.94
C LEU B 107 1.94 -3.57 13.31
N SER B 108 2.49 -2.48 13.84
CA SER B 108 2.04 -2.00 15.15
C SER B 108 0.59 -1.58 14.97
N ARG B 109 0.17 -1.31 13.74
CA ARG B 109 -1.22 -0.99 13.52
C ARG B 109 -2.15 -2.22 13.54
N GLN B 110 -1.60 -3.42 13.66
CA GLN B 110 -2.46 -4.59 13.66
C GLN B 110 -2.69 -5.27 15.02
N ALA B 111 -3.93 -5.70 15.25
CA ALA B 111 -4.27 -6.42 16.47
C ALA B 111 -3.55 -7.75 16.37
N GLY B 112 -2.71 -8.04 17.37
CA GLY B 112 -1.97 -9.28 17.39
C GLY B 112 -2.66 -10.31 18.28
N PRO B 113 -2.10 -11.52 18.41
CA PRO B 113 -0.86 -11.96 17.74
C PRO B 113 -1.04 -11.95 16.21
N ILE B 114 0.06 -11.70 15.51
CA ILE B 114 0.03 -11.70 14.06
C ILE B 114 0.48 -13.05 13.50
N CYS B 115 -0.17 -13.48 12.43
CA CYS B 115 0.25 -14.69 11.73
C CYS B 115 0.69 -14.20 10.35
N LEU B 116 1.97 -14.35 10.01
CA LEU B 116 2.45 -14.00 8.66
C LEU B 116 2.06 -15.19 7.78
N VAL B 117 1.59 -14.90 6.58
CA VAL B 117 1.17 -15.94 5.64
C VAL B 117 1.87 -15.66 4.29
N ALA B 118 2.60 -16.64 3.77
CA ALA B 118 3.26 -16.49 2.48
C ALA B 118 3.24 -17.84 1.76
N HIS B 119 3.20 -17.80 0.45
CA HIS B 119 3.21 -19.04 -0.28
C HIS B 119 4.67 -19.40 -0.49
N ASN B 120 5.06 -20.57 0.03
CA ASN B 120 6.43 -21.09 -0.03
C ASN B 120 7.26 -20.30 1.01
N GLY B 121 6.59 -19.80 2.04
CA GLY B 121 7.25 -19.03 3.08
C GLY B 121 8.37 -19.80 3.77
N PHE B 122 8.10 -21.06 4.08
CA PHE B 122 9.09 -21.84 4.78
C PHE B 122 10.45 -21.99 4.04
N ASP B 123 10.41 -22.25 2.74
CA ASP B 123 11.66 -22.42 2.02
C ASP B 123 12.25 -21.13 1.47
N TYR B 124 11.43 -20.08 1.43
CA TYR B 124 11.86 -18.84 0.82
C TYR B 124 11.52 -17.49 1.50
N ASP B 125 10.29 -17.01 1.44
CA ASP B 125 9.95 -15.69 2.00
C ASP B 125 10.32 -15.43 3.47
N PHE B 126 10.03 -16.39 4.33
CA PHE B 126 10.32 -16.18 5.72
C PHE B 126 11.83 -16.11 5.95
N PRO B 127 12.56 -17.15 5.57
CA PRO B 127 14.01 -17.08 5.80
C PRO B 127 14.70 -15.87 5.16
N LEU B 128 14.24 -15.49 3.96
CA LEU B 128 14.83 -14.35 3.28
C LEU B 128 14.48 -13.03 4.02
N LEU B 129 13.25 -12.92 4.47
CA LEU B 129 12.82 -11.73 5.17
C LEU B 129 13.62 -11.66 6.45
N CYS B 130 13.68 -12.81 7.12
CA CYS B 130 14.42 -12.95 8.36
C CYS B 130 15.90 -12.51 8.19
N ALA B 131 16.52 -12.89 7.08
CA ALA B 131 17.92 -12.53 6.88
C ALA B 131 18.10 -11.03 6.78
N GLU B 132 17.28 -10.37 5.95
CA GLU B 132 17.40 -8.93 5.80
C GLU B 132 17.04 -8.14 7.10
N LEU B 133 16.13 -8.66 7.93
CA LEU B 133 15.82 -7.96 9.18
C LEU B 133 17.02 -8.20 10.16
N ARG B 134 17.49 -9.44 10.23
CA ARG B 134 18.60 -9.80 11.10
C ARG B 134 19.80 -8.86 10.91
N ARG B 135 20.09 -8.58 9.64
CA ARG B 135 21.18 -7.71 9.28
C ARG B 135 21.14 -6.39 10.03
N LEU B 136 19.93 -5.95 10.39
CA LEU B 136 19.76 -4.68 11.10
C LEU B 136 19.35 -4.83 12.55
N GLY B 137 19.41 -6.04 13.07
CA GLY B 137 19.04 -6.25 14.45
C GLY B 137 17.56 -6.02 14.65
N ALA B 138 16.78 -6.04 13.57
CA ALA B 138 15.34 -5.84 13.68
C ALA B 138 14.61 -7.13 14.08
N ARG B 139 13.53 -6.98 14.82
CA ARG B 139 12.80 -8.18 15.20
C ARG B 139 11.34 -7.87 15.07
N LEU B 140 10.51 -8.89 15.09
CA LEU B 140 9.08 -8.68 14.95
C LEU B 140 8.43 -9.03 16.29
N PRO B 141 7.18 -8.61 16.51
CA PRO B 141 6.52 -8.94 17.79
C PRO B 141 6.82 -10.41 18.05
N ARG B 142 7.15 -10.77 19.30
CA ARG B 142 7.53 -12.17 19.60
C ARG B 142 6.42 -13.23 19.62
N ASP B 143 5.17 -12.82 19.47
CA ASP B 143 4.06 -13.77 19.44
C ASP B 143 3.65 -14.02 17.98
N THR B 144 4.45 -13.50 17.07
CA THR B 144 4.21 -13.67 15.64
C THR B 144 4.41 -15.13 15.25
N VAL B 145 3.48 -15.68 14.47
CA VAL B 145 3.58 -17.05 14.01
C VAL B 145 3.59 -17.02 12.52
N CYS B 146 3.85 -18.15 11.88
CA CYS B 146 3.96 -18.20 10.43
C CYS B 146 3.17 -19.33 9.84
N LEU B 147 2.56 -19.05 8.69
CA LEU B 147 1.79 -20.01 7.95
C LEU B 147 2.27 -20.02 6.50
N ASP B 148 2.66 -21.20 6.02
CA ASP B 148 3.12 -21.35 4.64
C ASP B 148 1.99 -22.09 3.93
N THR B 149 1.31 -21.41 3.00
CA THR B 149 0.18 -22.04 2.32
C THR B 149 0.51 -23.16 1.35
N LEU B 150 1.79 -23.36 1.00
CA LEU B 150 2.14 -24.44 0.10
C LEU B 150 2.00 -25.79 0.81
N PRO B 151 2.65 -25.96 1.97
CA PRO B 151 2.45 -27.28 2.58
C PRO B 151 1.04 -27.38 3.12
N ALA B 152 0.43 -26.26 3.50
CA ALA B 152 -0.90 -26.34 4.07
C ALA B 152 -1.88 -26.86 3.03
N LEU B 153 -1.84 -26.29 1.84
CA LEU B 153 -2.77 -26.74 0.84
C LEU B 153 -2.46 -28.16 0.41
N ARG B 154 -1.21 -28.45 0.10
CA ARG B 154 -0.80 -29.81 -0.28
C ARG B 154 -1.23 -30.73 0.86
N GLY B 155 -1.12 -30.22 2.09
CA GLY B 155 -1.50 -30.99 3.26
C GLY B 155 -2.99 -31.30 3.20
N LEU B 156 -3.82 -30.27 3.18
CA LEU B 156 -5.25 -30.43 3.09
C LEU B 156 -5.64 -31.36 1.94
N ASP B 157 -4.99 -31.23 0.80
CA ASP B 157 -5.33 -32.08 -0.36
C ASP B 157 -4.96 -33.56 -0.23
N ARG B 158 -3.82 -33.86 0.39
CA ARG B 158 -3.38 -35.24 0.53
C ARG B 158 -4.34 -35.98 1.44
N GLY B 171 -0.55 -29.46 -9.47
CA GLY B 171 0.08 -28.14 -9.62
C GLY B 171 -0.15 -27.20 -8.43
N TYR B 172 0.89 -26.53 -7.91
CA TYR B 172 0.70 -25.67 -6.73
C TYR B 172 1.23 -24.26 -6.79
N SER B 173 1.58 -23.79 -7.97
CA SER B 173 1.99 -22.41 -8.05
C SER B 173 0.70 -21.59 -7.77
N LEU B 174 0.88 -20.33 -7.38
CA LEU B 174 -0.25 -19.42 -7.13
C LEU B 174 -1.17 -19.40 -8.35
N GLY B 175 -0.54 -19.36 -9.53
CA GLY B 175 -1.27 -19.31 -10.77
C GLY B 175 -2.18 -20.50 -10.97
N SER B 176 -1.64 -21.72 -10.96
CA SER B 176 -2.50 -22.86 -11.16
C SER B 176 -3.52 -23.05 -10.02
N LEU B 177 -3.20 -22.58 -8.81
CA LEU B 177 -4.17 -22.71 -7.71
C LEU B 177 -5.34 -21.77 -8.01
N PHE B 178 -5.03 -20.59 -8.53
CA PHE B 178 -6.08 -19.63 -8.85
C PHE B 178 -7.00 -20.20 -9.96
N HIS B 179 -6.40 -20.76 -11.01
CA HIS B 179 -7.15 -21.34 -12.13
C HIS B 179 -8.13 -22.36 -11.62
N ARG B 180 -7.59 -23.29 -10.85
CA ARG B 180 -8.34 -24.38 -10.28
C ARG B 180 -9.43 -23.89 -9.38
N TYR B 181 -9.18 -22.80 -8.65
CA TYR B 181 -10.18 -22.31 -7.75
C TYR B 181 -11.18 -21.30 -8.27
N PHE B 182 -10.93 -20.58 -9.35
CA PHE B 182 -11.93 -19.58 -9.74
C PHE B 182 -12.22 -19.62 -11.20
N ARG B 183 -11.12 -19.87 -11.81
CA ARG B 183 -11.11 -19.82 -13.21
C ARG B 183 -10.59 -18.56 -13.87
N ALA B 184 -9.34 -18.20 -13.61
CA ALA B 184 -8.83 -17.28 -14.61
C ALA B 184 -7.74 -16.26 -14.39
N GLU B 185 -7.33 -15.85 -13.47
CA GLU B 185 -6.47 -14.83 -13.05
C GLU B 185 -6.87 -13.45 -13.23
N PRO B 186 -5.87 -12.80 -12.73
CA PRO B 186 -5.78 -11.37 -12.60
C PRO B 186 -6.74 -10.66 -13.54
N HIS B 190 6.28 -11.19 -10.65
CA HIS B 190 5.05 -10.75 -11.35
C HIS B 190 4.62 -9.39 -10.81
N SER B 191 4.54 -9.32 -9.50
CA SER B 191 4.18 -8.12 -8.78
C SER B 191 3.90 -8.54 -7.35
N ALA B 192 4.72 -8.05 -6.42
CA ALA B 192 4.52 -8.41 -5.03
C ALA B 192 3.08 -8.21 -4.62
N GLU B 193 2.51 -7.05 -4.93
CA GLU B 193 1.14 -6.82 -4.56
C GLU B 193 0.22 -7.78 -5.32
N GLY B 194 0.42 -7.90 -6.63
CA GLY B 194 -0.38 -8.82 -7.41
C GLY B 194 -0.41 -10.23 -6.81
N ASP B 195 0.77 -10.77 -6.48
CA ASP B 195 0.81 -12.10 -5.89
C ASP B 195 0.12 -12.16 -4.55
N VAL B 196 0.22 -11.12 -3.73
CA VAL B 196 -0.44 -11.19 -2.42
C VAL B 196 -1.98 -11.22 -2.62
N HIS B 197 -2.44 -10.35 -3.50
CA HIS B 197 -3.85 -10.24 -3.83
C HIS B 197 -4.40 -11.63 -4.20
N THR B 198 -3.70 -12.34 -5.10
CA THR B 198 -4.22 -13.64 -5.49
C THR B 198 -4.07 -14.70 -4.40
N LEU B 199 -3.07 -14.55 -3.53
CA LEU B 199 -2.91 -15.47 -2.42
C LEU B 199 -4.10 -15.29 -1.45
N LEU B 200 -4.54 -14.05 -1.30
CA LEU B 200 -5.61 -13.74 -0.41
C LEU B 200 -6.95 -14.36 -0.89
N LEU B 201 -7.28 -14.19 -2.19
CA LEU B 201 -8.49 -14.78 -2.73
C LEU B 201 -8.38 -16.29 -2.52
N ILE B 202 -7.23 -16.85 -2.83
CA ILE B 202 -7.04 -18.29 -2.66
C ILE B 202 -7.27 -18.71 -1.19
N PHE B 203 -6.79 -17.91 -0.25
CA PHE B 203 -6.96 -18.27 1.15
C PHE B 203 -8.43 -18.12 1.51
N LEU B 204 -9.07 -17.08 0.96
CA LEU B 204 -10.46 -16.84 1.23
C LEU B 204 -11.27 -18.04 0.73
N HIS B 205 -10.85 -18.62 -0.37
CA HIS B 205 -11.56 -19.75 -0.91
C HIS B 205 -11.53 -20.99 0.00
N ARG B 206 -10.47 -21.19 0.78
CA ARG B 206 -10.45 -22.33 1.69
C ARG B 206 -10.10 -21.82 3.11
N ALA B 207 -10.76 -20.74 3.53
CA ALA B 207 -10.51 -20.08 4.81
C ALA B 207 -10.62 -20.91 6.07
N ALA B 208 -11.73 -21.62 6.22
CA ALA B 208 -11.92 -22.43 7.42
C ALA B 208 -10.86 -23.54 7.51
N GLU B 209 -10.57 -24.20 6.39
CA GLU B 209 -9.54 -25.23 6.45
C GLU B 209 -8.19 -24.67 6.85
N LEU B 210 -7.83 -23.52 6.26
CA LEU B 210 -6.56 -22.87 6.51
C LEU B 210 -6.46 -22.15 7.88
N LEU B 211 -7.60 -21.66 8.37
CA LEU B 211 -7.60 -21.01 9.67
C LEU B 211 -7.34 -22.10 10.70
N ALA B 212 -7.95 -23.27 10.47
CA ALA B 212 -7.76 -24.41 11.36
C ALA B 212 -6.33 -24.90 11.28
N TRP B 213 -5.81 -24.99 10.05
CA TRP B 213 -4.44 -25.42 9.86
C TRP B 213 -3.53 -24.48 10.62
N ALA B 214 -3.74 -23.16 10.48
CA ALA B 214 -2.92 -22.15 11.16
C ALA B 214 -2.96 -22.24 12.69
N ASP B 215 -4.15 -22.45 13.24
CA ASP B 215 -4.29 -22.53 14.67
C ASP B 215 -3.61 -23.77 15.22
N GLU B 216 -3.51 -24.80 14.40
CA GLU B 216 -2.84 -25.99 14.87
C GLU B 216 -1.36 -25.96 14.50
N GLN B 217 -1.01 -25.62 13.27
CA GLN B 217 0.40 -25.79 12.88
C GLN B 217 1.23 -24.56 12.58
N ALA B 218 0.70 -23.38 12.72
CA ALA B 218 1.54 -22.22 12.46
C ALA B 218 2.78 -22.35 13.37
N ARG B 219 3.93 -21.86 12.83
CA ARG B 219 5.16 -21.92 13.58
C ARG B 219 5.55 -20.53 14.02
N GLY B 220 6.19 -20.45 15.18
CA GLY B 220 6.64 -19.17 15.69
C GLY B 220 7.74 -18.55 14.85
N TRP B 221 7.70 -17.22 14.71
CA TRP B 221 8.67 -16.49 13.91
C TRP B 221 10.13 -16.64 14.36
N ALA B 222 10.30 -16.79 15.68
CA ALA B 222 11.62 -16.89 16.29
C ALA B 222 12.32 -18.18 15.97
N HIS B 223 11.59 -19.13 15.44
CA HIS B 223 12.25 -20.35 15.13
C HIS B 223 12.59 -20.37 13.62
N ILE B 224 12.38 -19.21 12.97
CA ILE B 224 12.74 -19.07 11.57
C ILE B 224 14.18 -18.59 11.46
N GLU B 225 14.96 -19.23 10.60
CA GLU B 225 16.38 -18.94 10.42
C GLU B 225 16.73 -18.04 9.22
N PRO B 226 17.74 -17.16 9.36
CA PRO B 226 18.08 -16.32 8.21
C PRO B 226 18.57 -17.22 7.06
N MSE B 227 18.12 -16.94 5.85
CA MSE B 227 18.54 -17.71 4.72
C MSE B 227 20.06 -17.66 4.57
O MSE B 227 20.67 -18.61 4.14
CB MSE B 227 17.87 -17.16 3.48
CG MSE B 227 18.37 -17.74 2.16
SE MSE B 227 17.15 -17.24 0.65
CE MSE B 227 17.47 -15.34 0.53
N TYR B 228 20.65 -16.53 4.91
CA TYR B 228 22.11 -16.38 4.81
C TYR B 228 22.54 -15.11 5.50
N LEU B 229 23.81 -15.05 5.88
CA LEU B 229 24.36 -13.86 6.50
C LEU B 229 25.02 -13.12 5.31
N PRO B 230 25.07 -11.78 5.35
CA PRO B 230 25.66 -10.94 4.28
C PRO B 230 27.02 -11.37 3.67
#